data_2AAA
#
_entry.id   2AAA
#
_cell.length_a   81.100
_cell.length_b   98.300
_cell.length_c   138.000
_cell.angle_alpha   90.00
_cell.angle_beta   90.00
_cell.angle_gamma   90.00
#
_symmetry.space_group_name_H-M   'C 2 2 21'
#
loop_
_entity.id
_entity.type
_entity.pdbx_description
1 polymer ALPHA-AMYLASE
2 non-polymer 'CALCIUM ION'
3 water water
#
_entity_poly.entity_id   1
_entity_poly.type   'polypeptide(L)'
_entity_poly.pdbx_seq_one_letter_code
;LSAASWRTQSIYFLLTDRFGRTDNSTTATCNTGNEIYCGGSWQGIIDHLDYIEGMGFTAIWISPITEQLPQDTADGEAYH
GYWQQKIYDVNSNFGTADNLKSLSDALHARGMYLMVDVVPDHMGYAGNGNDVDYSVFDPFDSSSYFHPYCLITDWDNLTM
VEDCWEGDTIVSLPDLDTTETAVRTIWYDWVADLVSNYSVDGLRIDSVLEVQPDFFPGYNKASGVYCVGEIDNGNPASDC
PYQKVLDGVLNYPIYWQLLYAFESSSGSISNLYNMIKSVASDCSDPTLLGNFIENHDNPRFAKYTSDYSQAKNVLSYIFL
SDGIPIVYAGEEQHYAGGKVPYNREATWLSGYDTSAELYTWIATTNAIRKLAIAADSAYITYANDAFYTDSNTIAMAKGT
SGSQVITVLSNKGSSGSSYTLTLSGSGYTSGTKLIEAYTCTSVTVDSSGDIPVPMASGLPRVLLPASVVDSSSLCGGSGR
LYVE
;
_entity_poly.pdbx_strand_id   A
#
loop_
_chem_comp.id
_chem_comp.type
_chem_comp.name
_chem_comp.formula
CA non-polymer 'CALCIUM ION' 'Ca 2'
#
# COMPACT_ATOMS: atom_id res chain seq x y z
N LEU A 1 3.25 -3.15 16.81
CA LEU A 1 4.35 -3.94 16.22
C LEU A 1 5.48 -3.03 15.72
N SER A 2 6.73 -3.37 15.77
CA SER A 2 7.94 -2.60 15.36
C SER A 2 8.22 -2.77 13.84
N ALA A 3 9.13 -1.97 13.25
CA ALA A 3 9.38 -2.08 11.82
C ALA A 3 9.90 -3.46 11.42
N ALA A 4 10.91 -4.00 12.15
CA ALA A 4 11.49 -5.32 11.86
C ALA A 4 10.40 -6.42 11.70
N SER A 5 9.43 -6.45 12.61
CA SER A 5 8.32 -7.44 12.59
C SER A 5 7.27 -7.19 11.48
N TRP A 6 7.06 -5.93 11.09
CA TRP A 6 6.13 -5.58 10.02
C TRP A 6 6.61 -6.19 8.67
N ARG A 7 7.88 -6.36 8.40
CA ARG A 7 8.41 -6.86 7.15
C ARG A 7 7.72 -8.08 6.55
N THR A 8 7.33 -9.06 7.33
CA THR A 8 6.69 -10.31 6.97
C THR A 8 5.17 -10.22 6.79
N GLN A 9 4.56 -9.02 6.87
CA GLN A 9 3.12 -8.76 6.76
C GLN A 9 2.64 -8.48 5.32
N SER A 10 1.28 -8.61 5.11
CA SER A 10 0.72 -8.32 3.79
C SER A 10 -0.55 -7.52 4.16
N ILE A 11 -0.67 -6.37 3.46
CA ILE A 11 -1.76 -5.47 3.82
C ILE A 11 -2.83 -5.22 2.76
N TYR A 12 -4.05 -5.12 3.23
CA TYR A 12 -5.21 -4.76 2.36
C TYR A 12 -5.62 -3.34 2.77
N PHE A 13 -5.49 -2.43 1.80
CA PHE A 13 -5.88 -1.02 2.02
C PHE A 13 -7.33 -0.86 1.57
N LEU A 14 -8.28 -0.32 2.32
CA LEU A 14 -9.70 -0.09 1.94
C LEU A 14 -10.12 1.30 2.48
N LEU A 15 -11.13 1.83 1.83
CA LEU A 15 -11.71 3.11 2.20
C LEU A 15 -12.92 2.73 3.07
N THR A 16 -12.91 3.14 4.33
CA THR A 16 -13.95 2.74 5.25
C THR A 16 -15.34 2.97 4.62
N ASP A 17 -15.47 4.10 3.97
CA ASP A 17 -16.80 4.41 3.39
C ASP A 17 -17.23 3.53 2.20
N ARG A 18 -16.23 2.95 1.53
CA ARG A 18 -16.46 2.14 0.30
C ARG A 18 -16.33 0.62 0.48
N PHE A 19 -15.91 0.09 1.61
CA PHE A 19 -15.75 -1.37 1.61
C PHE A 19 -16.99 -2.23 1.96
N GLY A 20 -17.59 -2.00 3.14
CA GLY A 20 -18.74 -2.78 3.49
C GLY A 20 -19.70 -2.06 4.43
N ARG A 21 -20.97 -2.44 4.35
CA ARG A 21 -22.11 -1.89 5.13
C ARG A 21 -22.47 -2.84 6.29
N THR A 22 -23.00 -2.05 7.25
CA THR A 22 -23.47 -2.72 8.48
C THR A 22 -24.70 -3.60 8.16
N ASP A 23 -25.44 -3.14 7.13
CA ASP A 23 -26.60 -3.88 6.62
C ASP A 23 -26.09 -4.90 5.62
N ASN A 24 -24.84 -5.21 5.34
CA ASN A 24 -24.38 -6.17 4.37
C ASN A 24 -24.89 -6.15 2.93
N SER A 25 -25.47 -5.05 2.61
CA SER A 25 -25.98 -4.90 1.21
C SER A 25 -24.79 -4.92 0.29
N THR A 26 -24.97 -5.40 -0.91
CA THR A 26 -24.23 -5.65 -2.11
C THR A 26 -24.70 -4.86 -3.31
N THR A 27 -25.79 -4.15 -3.05
CA THR A 27 -26.55 -3.35 -4.00
C THR A 27 -26.64 -1.90 -3.62
N ALA A 28 -26.39 -1.27 -2.55
CA ALA A 28 -26.38 0.17 -2.16
C ALA A 28 -25.59 0.97 -3.22
N THR A 29 -26.37 2.00 -3.73
CA THR A 29 -25.93 2.83 -4.83
C THR A 29 -24.68 3.57 -4.42
N CYS A 30 -23.77 3.74 -5.32
CA CYS A 30 -22.58 4.56 -5.00
C CYS A 30 -22.09 5.19 -6.28
N ASN A 31 -22.58 6.38 -6.60
CA ASN A 31 -22.09 7.14 -7.77
C ASN A 31 -20.81 7.90 -7.31
N THR A 32 -19.63 7.44 -7.71
CA THR A 32 -18.36 8.08 -7.38
C THR A 32 -18.17 9.55 -7.74
N GLY A 33 -18.64 9.86 -8.95
CA GLY A 33 -18.51 11.23 -9.45
C GLY A 33 -19.23 12.20 -8.51
N ASN A 34 -20.18 11.71 -7.75
CA ASN A 34 -20.94 12.53 -6.80
C ASN A 34 -20.20 12.98 -5.55
N GLU A 35 -19.08 12.32 -5.22
CA GLU A 35 -18.26 12.59 -4.02
C GLU A 35 -18.92 12.89 -2.69
N ILE A 36 -19.83 11.96 -2.36
CA ILE A 36 -20.63 11.88 -1.12
C ILE A 36 -20.38 10.56 -0.40
N TYR A 37 -20.75 10.53 0.88
CA TYR A 37 -20.68 9.29 1.66
C TYR A 37 -21.68 8.28 1.08
N CYS A 38 -21.24 7.05 0.82
CA CYS A 38 -22.07 5.93 0.29
C CYS A 38 -22.43 4.98 1.45
N GLY A 39 -21.81 5.19 2.63
CA GLY A 39 -22.17 4.35 3.74
C GLY A 39 -21.52 3.21 4.48
N GLY A 40 -20.29 2.85 4.24
CA GLY A 40 -19.39 1.88 4.81
C GLY A 40 -19.13 2.20 6.24
N SER A 41 -18.90 1.13 7.07
CA SER A 41 -18.76 1.45 8.51
C SER A 41 -17.70 0.45 9.03
N TRP A 42 -17.35 0.71 10.27
CA TRP A 42 -16.36 -0.20 10.91
C TRP A 42 -17.01 -1.59 11.14
N GLN A 43 -18.33 -1.61 11.36
CA GLN A 43 -19.08 -2.86 11.54
C GLN A 43 -19.13 -3.59 10.17
N GLY A 44 -19.29 -2.90 9.08
CA GLY A 44 -19.29 -3.51 7.74
C GLY A 44 -17.97 -4.22 7.41
N ILE A 45 -16.85 -3.75 8.04
CA ILE A 45 -15.55 -4.37 7.85
C ILE A 45 -15.53 -5.73 8.60
N ILE A 46 -15.88 -5.62 9.88
CA ILE A 46 -15.94 -6.76 10.79
C ILE A 46 -16.75 -7.89 10.06
N ASP A 47 -17.91 -7.51 9.54
CA ASP A 47 -18.91 -8.37 8.87
C ASP A 47 -18.30 -9.09 7.66
N HIS A 48 -17.31 -8.56 6.94
CA HIS A 48 -16.67 -9.19 5.77
C HIS A 48 -15.19 -9.60 5.88
N LEU A 49 -14.73 -9.86 7.09
CA LEU A 49 -13.33 -10.22 7.45
C LEU A 49 -12.92 -11.54 6.86
N ASP A 50 -13.86 -12.46 6.69
CA ASP A 50 -13.54 -13.74 6.00
C ASP A 50 -13.06 -13.56 4.54
N TYR A 51 -13.72 -12.62 3.87
CA TYR A 51 -13.49 -12.18 2.49
C TYR A 51 -12.03 -11.73 2.40
N ILE A 52 -11.67 -10.90 3.37
CA ILE A 52 -10.30 -10.33 3.34
C ILE A 52 -9.26 -11.41 3.68
N GLU A 53 -9.57 -12.07 4.81
CA GLU A 53 -8.66 -13.10 5.25
C GLU A 53 -8.48 -14.22 4.24
N GLY A 54 -9.44 -14.60 3.35
CA GLY A 54 -9.22 -15.67 2.33
C GLY A 54 -8.20 -15.35 1.27
N MET A 55 -7.81 -14.08 1.07
CA MET A 55 -6.73 -13.79 0.13
C MET A 55 -5.41 -13.89 0.91
N GLY A 56 -5.40 -14.24 2.17
CA GLY A 56 -4.21 -14.40 3.00
C GLY A 56 -3.57 -13.14 3.58
N PHE A 57 -4.24 -12.01 3.55
CA PHE A 57 -3.71 -10.78 4.15
C PHE A 57 -3.64 -10.95 5.65
N THR A 58 -2.66 -10.28 6.25
CA THR A 58 -2.44 -10.37 7.73
C THR A 58 -2.78 -9.07 8.42
N ALA A 59 -3.05 -8.06 7.62
CA ALA A 59 -3.27 -6.71 8.11
C ALA A 59 -4.13 -5.86 7.22
N ILE A 60 -4.81 -4.87 7.82
CA ILE A 60 -5.61 -3.99 6.97
C ILE A 60 -5.11 -2.53 7.24
N TRP A 61 -5.28 -1.70 6.23
CA TRP A 61 -5.00 -0.22 6.49
C TRP A 61 -6.40 0.47 6.33
N ILE A 62 -6.89 1.19 7.31
CA ILE A 62 -8.22 1.85 7.11
C ILE A 62 -8.14 3.38 7.00
N SER A 63 -9.08 4.12 6.49
CA SER A 63 -9.10 5.59 6.42
C SER A 63 -8.96 6.17 7.82
N PRO A 64 -8.65 7.48 7.92
CA PRO A 64 -8.60 8.26 9.17
C PRO A 64 -9.89 8.11 9.97
N ILE A 65 -9.74 8.27 11.29
CA ILE A 65 -10.91 8.00 12.21
C ILE A 65 -11.62 9.09 12.96
N THR A 66 -11.00 10.26 12.83
CA THR A 66 -11.49 11.53 13.45
C THR A 66 -12.67 12.12 12.70
N GLU A 67 -13.44 12.74 13.54
CA GLU A 67 -14.63 13.55 13.15
C GLU A 67 -14.22 14.54 12.05
N GLN A 68 -14.96 14.66 10.95
CA GLN A 68 -14.67 15.57 9.84
C GLN A 68 -15.62 16.79 9.78
N LEU A 69 -15.39 17.62 8.78
CA LEU A 69 -16.30 18.75 8.47
C LEU A 69 -17.60 18.07 7.98
N PRO A 70 -18.76 18.58 8.41
CA PRO A 70 -20.05 17.99 8.04
C PRO A 70 -20.74 18.43 6.76
N GLN A 71 -20.18 19.45 6.08
CA GLN A 71 -20.83 19.97 4.90
C GLN A 71 -20.62 19.24 3.63
N ASP A 72 -21.54 19.54 2.72
CA ASP A 72 -21.45 19.12 1.33
C ASP A 72 -21.08 20.36 0.52
N THR A 73 -20.12 20.21 -0.42
CA THR A 73 -19.54 21.26 -1.27
C THR A 73 -19.32 20.85 -2.71
N ALA A 74 -18.87 21.74 -3.64
CA ALA A 74 -18.59 21.28 -5.02
C ALA A 74 -17.33 20.44 -5.03
N ASP A 75 -16.65 20.39 -3.88
CA ASP A 75 -15.47 19.49 -3.72
C ASP A 75 -15.99 18.13 -3.15
N GLY A 76 -17.29 17.92 -2.96
CA GLY A 76 -17.80 16.65 -2.35
C GLY A 76 -17.82 16.67 -0.82
N GLU A 77 -17.95 15.51 -0.17
CA GLU A 77 -17.95 15.38 1.32
C GLU A 77 -16.71 14.69 1.86
N ALA A 78 -16.47 14.75 3.16
CA ALA A 78 -15.32 14.19 3.83
C ALA A 78 -15.30 12.70 4.03
N TYR A 79 -15.84 11.97 3.07
CA TYR A 79 -15.96 10.48 3.11
C TYR A 79 -14.61 9.79 3.18
N HIS A 80 -13.53 10.46 2.69
CA HIS A 80 -12.15 9.97 2.73
C HIS A 80 -11.48 10.18 4.07
N GLY A 81 -11.85 11.03 5.02
CA GLY A 81 -11.21 11.21 6.32
C GLY A 81 -10.02 12.14 6.49
N TYR A 82 -9.78 12.83 5.38
CA TYR A 82 -8.67 13.81 5.28
C TYR A 82 -9.00 15.29 5.56
N TRP A 83 -10.16 15.75 5.99
CA TRP A 83 -10.71 17.03 6.36
C TRP A 83 -11.10 17.02 7.84
N GLN A 84 -10.28 16.69 8.85
CA GLN A 84 -10.67 16.59 10.26
C GLN A 84 -10.92 17.94 10.92
N GLN A 85 -11.66 17.99 12.02
CA GLN A 85 -12.01 19.20 12.74
C GLN A 85 -11.83 18.94 14.20
N LYS A 86 -12.37 17.82 14.75
CA LYS A 86 -12.19 17.57 16.22
C LYS A 86 -11.47 16.25 16.41
N ILE A 87 -10.22 16.36 16.88
CA ILE A 87 -9.45 15.13 16.95
C ILE A 87 -9.71 14.19 18.08
N TYR A 88 -10.43 14.61 19.14
CA TYR A 88 -10.62 13.66 20.22
C TYR A 88 -11.95 13.01 19.94
N ASP A 89 -12.64 13.21 18.85
CA ASP A 89 -13.89 12.54 18.59
C ASP A 89 -13.65 11.57 17.37
N VAL A 90 -14.64 10.65 17.25
CA VAL A 90 -14.68 9.78 16.06
C VAL A 90 -15.60 10.26 14.92
N ASN A 91 -15.48 9.81 13.67
CA ASN A 91 -16.26 9.98 12.46
C ASN A 91 -17.49 9.06 12.69
N SER A 92 -18.50 9.81 13.17
CA SER A 92 -19.74 9.09 13.58
C SER A 92 -20.38 8.41 12.41
N ASN A 93 -20.03 8.65 11.19
CA ASN A 93 -20.56 7.99 9.98
C ASN A 93 -20.00 6.58 9.88
N PHE A 94 -18.84 6.37 10.44
CA PHE A 94 -18.18 5.03 10.37
C PHE A 94 -18.62 4.15 11.54
N GLY A 95 -19.08 4.86 12.61
CA GLY A 95 -19.58 4.12 13.78
C GLY A 95 -19.23 4.85 15.06
N THR A 96 -19.12 4.12 16.14
CA THR A 96 -18.83 4.60 17.53
C THR A 96 -17.44 4.21 17.97
N ALA A 97 -16.87 4.70 19.09
CA ALA A 97 -15.53 4.31 19.57
C ALA A 97 -15.49 2.83 19.88
N ASP A 98 -16.61 2.40 20.42
CA ASP A 98 -16.71 0.94 20.74
C ASP A 98 -16.57 -0.03 19.56
N ASN A 99 -17.08 0.52 18.45
CA ASN A 99 -17.05 -0.23 17.18
C ASN A 99 -15.62 -0.34 16.64
N LEU A 100 -14.87 0.73 16.76
CA LEU A 100 -13.48 0.86 16.36
C LEU A 100 -12.79 -0.13 17.29
N LYS A 101 -12.99 -0.16 18.58
CA LYS A 101 -12.29 -1.14 19.43
C LYS A 101 -12.69 -2.57 19.13
N SER A 102 -13.93 -2.84 18.73
CA SER A 102 -14.36 -4.14 18.34
C SER A 102 -13.65 -4.55 17.02
N LEU A 103 -13.38 -3.68 16.06
CA LEU A 103 -12.67 -4.01 14.82
C LEU A 103 -11.31 -4.52 15.28
N SER A 104 -10.67 -3.70 16.09
CA SER A 104 -9.32 -4.06 16.61
C SER A 104 -9.32 -5.47 17.23
N ASP A 105 -10.19 -5.82 18.16
CA ASP A 105 -10.33 -7.11 18.80
C ASP A 105 -10.64 -8.23 17.82
N ALA A 106 -11.52 -8.05 16.89
CA ALA A 106 -11.89 -9.05 15.87
C ALA A 106 -10.73 -9.49 15.00
N LEU A 107 -9.81 -8.55 14.71
CA LEU A 107 -8.62 -8.72 13.88
C LEU A 107 -7.61 -9.53 14.71
N HIS A 108 -7.43 -8.95 15.92
CA HIS A 108 -6.37 -9.60 16.75
C HIS A 108 -6.71 -11.04 17.04
N ALA A 109 -7.98 -11.31 17.17
CA ALA A 109 -8.53 -12.62 17.43
C ALA A 109 -8.26 -13.50 16.22
N ARG A 110 -8.09 -12.92 15.05
CA ARG A 110 -7.80 -13.80 13.90
C ARG A 110 -6.30 -13.81 13.67
N GLY A 111 -5.39 -13.28 14.44
CA GLY A 111 -3.97 -13.28 14.01
C GLY A 111 -3.70 -12.17 12.99
N MET A 112 -4.53 -11.12 12.99
CA MET A 112 -4.42 -9.99 12.00
C MET A 112 -4.06 -8.74 12.80
N TYR A 113 -3.51 -7.77 12.05
CA TYR A 113 -3.01 -6.47 12.48
C TYR A 113 -3.84 -5.29 11.97
N LEU A 114 -3.85 -4.20 12.73
CA LEU A 114 -4.59 -2.99 12.34
C LEU A 114 -3.60 -1.89 12.03
N MET A 115 -3.69 -1.37 10.85
CA MET A 115 -2.93 -0.16 10.48
C MET A 115 -3.92 1.02 10.31
N VAL A 116 -3.70 2.20 10.90
CA VAL A 116 -4.56 3.38 10.82
C VAL A 116 -3.92 4.55 10.08
N ASP A 117 -4.57 5.24 9.16
CA ASP A 117 -4.13 6.45 8.45
C ASP A 117 -4.26 7.67 9.34
N VAL A 118 -3.23 8.48 9.50
CA VAL A 118 -3.23 9.67 10.41
C VAL A 118 -2.71 10.89 9.62
N VAL A 119 -3.30 12.03 10.01
CA VAL A 119 -3.00 13.34 9.41
C VAL A 119 -2.54 14.44 10.38
N PRO A 120 -1.21 14.50 10.63
CA PRO A 120 -0.53 15.53 11.40
C PRO A 120 -0.52 16.92 10.73
N ASP A 121 -0.46 16.97 9.40
CA ASP A 121 -0.33 18.23 8.64
C ASP A 121 -1.45 19.29 8.76
N HIS A 122 -2.76 19.06 8.61
CA HIS A 122 -3.83 20.02 8.52
C HIS A 122 -5.12 19.51 9.16
N MET A 123 -6.13 20.33 9.27
CA MET A 123 -7.51 20.47 9.63
C MET A 123 -8.24 20.63 8.30
N GLY A 124 -9.56 20.56 8.21
CA GLY A 124 -10.35 20.77 6.98
C GLY A 124 -11.35 21.89 7.27
N TYR A 125 -11.67 22.71 6.30
CA TYR A 125 -12.56 23.85 6.46
C TYR A 125 -13.28 24.15 5.13
N ALA A 126 -14.64 24.14 5.26
CA ALA A 126 -15.54 24.44 4.13
C ALA A 126 -15.54 25.97 3.93
N GLY A 127 -14.57 26.63 3.35
CA GLY A 127 -14.56 28.09 3.12
C GLY A 127 -13.11 28.38 2.70
N ASN A 128 -12.92 29.59 2.16
CA ASN A 128 -11.47 29.87 1.76
C ASN A 128 -10.66 30.26 3.00
N GLY A 129 -9.39 30.00 2.79
CA GLY A 129 -8.44 30.28 3.85
C GLY A 129 -8.65 31.64 4.46
N ASN A 130 -9.17 32.70 3.95
CA ASN A 130 -9.31 34.03 4.60
C ASN A 130 -10.35 34.14 5.67
N ASP A 131 -11.42 33.43 5.43
CA ASP A 131 -12.58 33.33 6.31
C ASP A 131 -12.68 32.09 7.17
N VAL A 132 -11.64 31.49 7.67
CA VAL A 132 -11.73 30.24 8.46
C VAL A 132 -12.26 30.71 9.83
N ASP A 133 -13.19 29.95 10.34
CA ASP A 133 -13.73 30.10 11.71
C ASP A 133 -12.95 29.08 12.59
N TYR A 134 -11.93 29.41 13.38
CA TYR A 134 -11.19 28.50 14.20
C TYR A 134 -11.97 27.96 15.38
N SER A 135 -13.13 28.45 15.66
CA SER A 135 -13.95 27.95 16.79
C SER A 135 -14.44 26.53 16.55
N VAL A 136 -14.57 26.01 15.32
CA VAL A 136 -14.97 24.64 14.96
C VAL A 136 -13.95 23.53 15.32
N PHE A 137 -12.70 23.88 15.57
CA PHE A 137 -11.60 22.94 15.80
C PHE A 137 -11.39 22.59 17.25
N ASP A 138 -10.99 21.34 17.44
CA ASP A 138 -10.69 20.90 18.81
C ASP A 138 -9.42 20.03 18.88
N PRO A 139 -8.36 20.36 19.60
CA PRO A 139 -8.27 21.57 20.44
C PRO A 139 -7.76 22.88 19.83
N PHE A 140 -7.39 22.90 18.55
CA PHE A 140 -6.74 24.06 17.83
C PHE A 140 -7.64 25.26 17.49
N ASP A 141 -8.33 25.75 18.54
CA ASP A 141 -9.33 26.87 18.33
C ASP A 141 -8.68 28.27 18.27
N SER A 142 -7.46 28.43 17.80
CA SER A 142 -6.76 29.72 17.73
C SER A 142 -6.01 29.74 16.41
N SER A 143 -6.07 30.82 15.67
CA SER A 143 -5.27 30.92 14.45
C SER A 143 -3.74 30.81 14.73
N SER A 144 -3.39 30.96 16.02
CA SER A 144 -2.00 30.80 16.55
C SER A 144 -1.27 29.45 16.38
N TYR A 145 -1.98 28.36 16.30
CA TYR A 145 -1.31 27.08 16.08
C TYR A 145 -1.07 26.87 14.59
N PHE A 146 -1.61 27.68 13.73
CA PHE A 146 -1.55 27.47 12.30
C PHE A 146 -0.60 28.39 11.60
N HIS A 147 -0.27 27.91 10.43
CA HIS A 147 0.58 28.77 9.59
C HIS A 147 -0.34 29.74 8.84
N PRO A 148 0.22 30.93 8.58
CA PRO A 148 -0.45 32.01 7.80
C PRO A 148 -0.92 31.48 6.44
N TYR A 149 -2.14 31.83 6.07
CA TYR A 149 -2.75 31.35 4.83
C TYR A 149 -1.98 31.68 3.55
N CYS A 150 -1.66 30.71 2.72
CA CYS A 150 -1.05 30.78 1.41
C CYS A 150 -1.39 29.42 0.78
N LEU A 151 -1.57 29.41 -0.52
CA LEU A 151 -1.82 28.16 -1.30
C LEU A 151 -0.46 27.60 -1.80
N ILE A 152 -0.34 26.30 -2.10
CA ILE A 152 0.97 25.83 -2.55
C ILE A 152 0.97 26.02 -4.07
N THR A 153 1.72 27.05 -4.39
CA THR A 153 1.86 27.46 -5.77
C THR A 153 2.93 26.91 -6.66
N ASP A 154 4.11 26.67 -6.13
CA ASP A 154 5.40 26.18 -6.64
C ASP A 154 5.90 24.95 -5.85
N TRP A 155 5.65 23.81 -6.46
CA TRP A 155 6.09 22.60 -5.86
C TRP A 155 7.60 22.33 -5.81
N ASP A 156 8.52 23.07 -6.39
CA ASP A 156 9.97 22.77 -6.32
C ASP A 156 10.54 23.39 -5.06
N ASN A 157 9.68 24.28 -4.59
CA ASN A 157 10.05 25.07 -3.38
C ASN A 157 9.65 24.34 -2.10
N LEU A 158 10.59 23.54 -1.58
CA LEU A 158 10.23 22.77 -0.41
C LEU A 158 9.77 23.52 0.83
N THR A 159 10.17 24.76 1.10
CA THR A 159 9.68 25.51 2.25
C THR A 159 8.20 25.89 2.11
N MET A 160 7.93 26.24 0.87
CA MET A 160 6.59 26.67 0.51
C MET A 160 5.65 25.46 0.69
N VAL A 161 6.16 24.34 0.31
CA VAL A 161 5.47 23.04 0.38
C VAL A 161 5.07 22.61 1.81
N GLU A 162 5.94 22.94 2.76
CA GLU A 162 5.87 22.66 4.16
C GLU A 162 5.09 23.72 4.87
N ASP A 163 5.20 24.93 4.39
CA ASP A 163 4.51 26.00 5.07
C ASP A 163 3.23 26.58 4.53
N CYS A 164 2.86 26.42 3.32
CA CYS A 164 1.63 26.98 2.72
C CYS A 164 0.61 25.87 2.83
N TRP A 165 -0.60 26.17 2.43
CA TRP A 165 -1.75 25.25 2.61
C TRP A 165 -2.11 24.49 1.35
N GLU A 166 -2.40 23.22 1.60
CA GLU A 166 -2.98 22.25 0.67
C GLU A 166 -4.43 22.75 0.52
N GLY A 167 -5.16 22.25 -0.46
CA GLY A 167 -6.52 22.57 -0.73
C GLY A 167 -6.70 23.67 -1.80
N ASP A 168 -7.90 24.22 -1.87
CA ASP A 168 -8.24 25.25 -2.85
C ASP A 168 -9.03 26.25 -2.01
N THR A 169 -9.89 26.94 -2.69
CA THR A 169 -10.81 27.99 -2.17
C THR A 169 -12.18 27.47 -1.77
N ILE A 170 -12.58 26.21 -2.07
CA ILE A 170 -13.90 25.71 -1.65
C ILE A 170 -13.78 25.06 -0.29
N VAL A 171 -12.78 24.17 -0.20
CA VAL A 171 -12.44 23.47 1.03
C VAL A 171 -10.93 23.77 1.25
N SER A 172 -10.60 24.60 2.20
CA SER A 172 -9.20 24.91 2.52
C SER A 172 -8.75 23.92 3.61
N LEU A 173 -7.45 23.63 3.67
CA LEU A 173 -6.82 22.77 4.64
C LEU A 173 -5.90 23.54 5.57
N PRO A 174 -6.49 24.20 6.60
CA PRO A 174 -5.67 24.94 7.59
C PRO A 174 -4.46 24.10 8.05
N ASP A 175 -3.29 24.65 7.67
CA ASP A 175 -1.93 24.09 7.86
C ASP A 175 -1.38 24.34 9.24
N LEU A 176 -1.17 23.28 10.02
CA LEU A 176 -0.64 23.52 11.36
C LEU A 176 0.82 23.92 11.31
N ASP A 177 1.15 24.70 12.31
CA ASP A 177 2.53 25.12 12.60
C ASP A 177 3.14 24.03 13.52
N THR A 178 3.69 22.99 12.83
CA THR A 178 4.29 21.79 13.45
C THR A 178 5.66 22.04 14.06
N THR A 179 6.28 23.17 13.91
CA THR A 179 7.53 23.54 14.61
C THR A 179 7.23 23.97 16.05
N GLU A 180 6.01 24.40 16.36
CA GLU A 180 5.55 24.85 17.67
C GLU A 180 5.48 23.73 18.65
N THR A 181 6.07 23.98 19.80
CA THR A 181 6.14 23.05 20.91
C THR A 181 4.80 22.55 21.41
N ALA A 182 3.85 23.49 21.40
CA ALA A 182 2.49 23.21 21.85
C ALA A 182 1.86 22.26 20.82
N VAL A 183 2.07 22.47 19.54
CA VAL A 183 1.47 21.54 18.55
C VAL A 183 2.26 20.23 18.59
N ARG A 184 3.53 20.10 18.86
CA ARG A 184 4.24 18.77 18.96
C ARG A 184 3.73 18.00 20.15
N THR A 185 3.52 18.72 21.24
CA THR A 185 2.96 18.11 22.45
C THR A 185 1.58 17.49 22.26
N ILE A 186 0.73 18.31 21.69
CA ILE A 186 -0.66 17.82 21.43
C ILE A 186 -0.63 16.53 20.59
N TRP A 187 0.12 16.62 19.48
CA TRP A 187 0.28 15.52 18.53
C TRP A 187 1.03 14.34 19.16
N TYR A 188 2.07 14.52 19.94
CA TYR A 188 2.76 13.30 20.49
C TYR A 188 1.86 12.62 21.51
N ASP A 189 1.13 13.35 22.35
CA ASP A 189 0.21 12.69 23.28
C ASP A 189 -0.93 11.98 22.52
N TRP A 190 -1.45 12.79 21.56
CA TRP A 190 -2.54 12.28 20.77
C TRP A 190 -2.17 10.89 20.16
N VAL A 191 -1.09 10.70 19.47
CA VAL A 191 -0.78 9.43 18.82
C VAL A 191 -0.47 8.33 19.83
N ALA A 192 0.13 8.61 20.99
CA ALA A 192 0.38 7.57 22.04
C ALA A 192 -0.95 7.05 22.56
N ASP A 193 -1.93 7.92 22.75
CA ASP A 193 -3.24 7.56 23.22
C ASP A 193 -4.09 6.86 22.15
N LEU A 194 -3.87 7.29 20.91
CA LEU A 194 -4.62 6.62 19.83
C LEU A 194 -4.20 5.14 19.88
N VAL A 195 -2.89 4.91 19.94
CA VAL A 195 -2.44 3.55 19.90
C VAL A 195 -2.87 2.69 21.05
N SER A 196 -2.82 3.30 22.17
CA SER A 196 -3.14 2.68 23.48
C SER A 196 -4.64 2.52 23.53
N ASN A 197 -5.51 3.38 23.06
CA ASN A 197 -6.95 3.11 23.20
C ASN A 197 -7.52 2.09 22.23
N TYR A 198 -6.96 2.12 21.01
CA TYR A 198 -7.59 1.19 20.05
C TYR A 198 -6.68 0.05 19.74
N SER A 199 -5.56 -0.15 20.30
CA SER A 199 -4.49 -1.11 20.11
C SER A 199 -3.97 -1.19 18.67
N VAL A 200 -3.65 -0.08 18.12
CA VAL A 200 -3.20 -0.06 16.73
C VAL A 200 -1.89 -0.77 16.62
N ASP A 201 -1.55 -1.43 15.50
CA ASP A 201 -0.27 -2.12 15.29
C ASP A 201 0.73 -1.33 14.42
N GLY A 202 0.23 -0.35 13.64
CA GLY A 202 1.16 0.39 12.74
C GLY A 202 0.42 1.64 12.24
N LEU A 203 1.14 2.62 11.73
CA LEU A 203 0.49 3.84 11.22
C LEU A 203 0.94 4.13 9.81
N ARG A 204 0.04 4.67 8.99
CA ARG A 204 0.22 5.13 7.64
C ARG A 204 0.06 6.65 7.83
N ILE A 205 1.09 7.44 7.49
CA ILE A 205 1.08 8.92 7.62
C ILE A 205 0.88 9.69 6.30
N ASP A 206 -0.25 10.40 6.23
CA ASP A 206 -0.61 11.25 5.15
C ASP A 206 0.30 12.50 5.03
N SER A 207 0.61 13.07 3.87
CA SER A 207 1.27 14.37 3.71
C SER A 207 2.61 14.55 4.46
N VAL A 208 3.49 13.56 4.23
CA VAL A 208 4.77 13.65 4.97
C VAL A 208 5.54 14.77 4.28
N LEU A 209 5.47 14.94 2.99
CA LEU A 209 6.23 15.98 2.29
C LEU A 209 5.94 17.38 2.78
N GLU A 210 4.73 17.52 3.31
CA GLU A 210 4.19 18.80 3.80
C GLU A 210 4.58 19.10 5.22
N VAL A 211 5.37 18.24 5.87
CA VAL A 211 5.81 18.47 7.26
C VAL A 211 7.37 18.39 7.27
N GLN A 212 7.93 19.29 8.11
CA GLN A 212 9.40 19.35 8.33
C GLN A 212 9.79 18.02 8.96
N PRO A 213 10.89 17.46 8.49
CA PRO A 213 11.34 16.15 8.95
C PRO A 213 11.61 16.00 10.42
N ASP A 214 12.04 17.03 11.08
CA ASP A 214 12.34 16.89 12.53
C ASP A 214 11.00 16.65 13.26
N PHE A 215 9.89 16.88 12.66
CA PHE A 215 8.69 16.55 13.48
C PHE A 215 8.59 15.05 13.79
N PHE A 216 8.99 14.23 12.79
CA PHE A 216 8.77 12.80 12.78
C PHE A 216 9.43 11.93 13.81
N PRO A 217 10.68 12.06 14.13
CA PRO A 217 11.24 11.13 15.17
C PRO A 217 10.52 11.07 16.51
N GLY A 218 10.07 12.13 17.17
CA GLY A 218 9.36 12.06 18.44
C GLY A 218 7.93 11.60 18.22
N TYR A 219 7.40 11.75 16.99
CA TYR A 219 6.04 11.27 16.66
C TYR A 219 6.23 9.72 16.51
N ASN A 220 7.14 9.11 15.74
CA ASN A 220 7.43 7.67 15.55
C ASN A 220 7.56 7.15 16.99
N LYS A 221 8.35 7.79 17.78
CA LYS A 221 8.62 7.33 19.16
C LYS A 221 7.46 7.36 20.14
N ALA A 222 6.61 8.33 20.10
CA ALA A 222 5.44 8.44 20.94
C ALA A 222 4.45 7.36 20.51
N SER A 223 4.38 7.00 19.26
CA SER A 223 3.36 6.03 18.90
C SER A 223 3.92 4.64 19.24
N GLY A 224 5.21 4.35 19.20
CA GLY A 224 5.62 2.99 19.65
C GLY A 224 5.26 1.87 18.64
N VAL A 225 5.07 2.15 17.35
CA VAL A 225 4.78 1.15 16.34
C VAL A 225 5.41 1.66 15.02
N TYR A 226 5.55 0.75 14.05
CA TYR A 226 5.99 1.06 12.70
C TYR A 226 5.11 2.21 12.12
N CYS A 227 5.84 3.08 11.36
CA CYS A 227 5.24 4.25 10.68
C CYS A 227 5.72 4.18 9.21
N VAL A 228 4.80 4.20 8.28
CA VAL A 228 5.21 4.24 6.82
C VAL A 228 4.70 5.61 6.28
N GLY A 229 5.52 6.54 5.82
CA GLY A 229 4.96 7.85 5.37
C GLY A 229 4.66 7.96 3.89
N GLU A 230 3.71 8.81 3.56
CA GLU A 230 3.34 9.08 2.16
C GLU A 230 4.12 10.33 1.71
N ILE A 231 5.07 10.14 0.80
CA ILE A 231 5.83 11.25 0.19
C ILE A 231 5.44 11.02 -1.28
N ASP A 232 4.48 11.73 -1.76
CA ASP A 232 3.86 11.57 -3.07
C ASP A 232 4.76 12.16 -4.17
N ASN A 233 5.76 11.43 -4.60
CA ASN A 233 6.68 11.95 -5.60
C ASN A 233 7.43 10.75 -6.18
N GLY A 234 7.71 10.78 -7.47
CA GLY A 234 8.42 9.71 -8.18
C GLY A 234 9.93 9.74 -8.05
N ASN A 235 10.51 10.67 -7.34
CA ASN A 235 11.97 10.75 -7.27
C ASN A 235 12.47 10.20 -5.96
N PRO A 236 13.24 9.12 -6.04
CA PRO A 236 13.82 8.42 -4.92
C PRO A 236 14.73 9.34 -4.10
N ALA A 237 15.35 10.27 -4.80
CA ALA A 237 16.32 11.24 -4.22
C ALA A 237 15.50 12.19 -3.34
N SER A 238 14.22 12.32 -3.65
CA SER A 238 13.43 13.21 -2.76
C SER A 238 12.79 12.34 -1.66
N ASP A 239 12.37 11.15 -2.08
CA ASP A 239 11.59 10.48 -0.94
C ASP A 239 12.35 9.53 -0.16
N CYS A 240 13.50 8.93 -0.47
CA CYS A 240 14.36 8.04 0.32
C CYS A 240 15.04 8.57 1.58
N PRO A 241 15.46 9.85 1.50
CA PRO A 241 16.04 10.56 2.67
C PRO A 241 15.12 10.61 3.86
N TYR A 242 13.80 10.50 3.73
CA TYR A 242 12.76 10.51 4.84
C TYR A 242 12.82 9.28 5.73
N GLN A 243 13.44 8.25 5.14
CA GLN A 243 13.72 6.95 5.71
C GLN A 243 14.73 7.22 6.83
N LYS A 244 15.39 8.35 6.78
CA LYS A 244 16.23 8.78 7.91
C LYS A 244 15.41 9.21 9.13
N VAL A 245 14.16 9.54 9.00
CA VAL A 245 13.36 10.05 10.12
C VAL A 245 12.11 9.23 10.36
N LEU A 246 11.76 8.36 9.40
CA LEU A 246 10.59 7.51 9.55
C LEU A 246 10.91 6.09 9.45
N ASP A 247 11.58 5.25 8.88
CA ASP A 247 11.17 3.75 9.32
C ASP A 247 10.83 3.31 7.87
N GLY A 248 9.69 3.80 7.45
CA GLY A 248 9.52 3.44 6.01
C GLY A 248 8.79 4.58 5.27
N VAL A 249 8.81 4.45 3.93
CA VAL A 249 8.04 5.36 3.03
C VAL A 249 7.27 4.48 2.06
N LEU A 250 6.21 4.92 1.47
CA LEU A 250 5.43 4.24 0.43
C LEU A 250 6.29 4.31 -0.86
N ASN A 251 6.32 3.19 -1.63
CA ASN A 251 7.26 3.14 -2.80
C ASN A 251 6.77 3.69 -4.15
N TYR A 252 6.61 5.00 -4.03
CA TYR A 252 6.21 5.84 -5.19
C TYR A 252 7.26 5.81 -6.28
N PRO A 253 8.55 5.81 -6.02
CA PRO A 253 9.58 5.68 -7.11
C PRO A 253 9.33 4.44 -7.98
N ILE A 254 9.19 3.24 -7.35
CA ILE A 254 8.95 2.01 -8.11
C ILE A 254 7.60 1.99 -8.79
N TYR A 255 6.62 2.63 -8.16
CA TYR A 255 5.22 2.64 -8.65
C TYR A 255 5.10 2.99 -10.11
N TRP A 256 5.62 4.19 -10.47
CA TRP A 256 5.59 4.76 -11.82
C TRP A 256 6.25 3.85 -12.83
N GLN A 257 7.45 3.39 -12.55
CA GLN A 257 8.23 2.55 -13.48
C GLN A 257 7.59 1.21 -13.64
N LEU A 258 7.01 0.52 -12.70
CA LEU A 258 6.30 -0.80 -12.69
C LEU A 258 5.08 -0.64 -13.59
N LEU A 259 4.38 0.51 -13.29
CA LEU A 259 3.17 0.76 -14.11
C LEU A 259 3.48 0.75 -15.60
N TYR A 260 4.43 1.53 -16.05
CA TYR A 260 4.79 1.58 -17.46
C TYR A 260 5.47 0.34 -18.06
N ALA A 261 6.31 -0.37 -17.29
CA ALA A 261 6.96 -1.58 -17.79
C ALA A 261 5.95 -2.64 -18.25
N PHE A 262 4.82 -2.68 -17.50
CA PHE A 262 3.71 -3.66 -17.57
C PHE A 262 2.43 -3.21 -18.24
N GLU A 263 2.40 -1.96 -18.68
CA GLU A 263 1.08 -1.67 -19.32
C GLU A 263 0.85 -2.20 -20.72
N SER A 264 1.98 -2.50 -21.35
CA SER A 264 2.09 -3.00 -22.72
C SER A 264 3.40 -3.80 -22.79
N SER A 265 3.32 -4.63 -23.81
CA SER A 265 4.34 -5.54 -24.37
C SER A 265 5.60 -4.79 -24.81
N SER A 266 5.37 -3.47 -25.04
CA SER A 266 6.46 -2.54 -25.37
C SER A 266 6.73 -1.63 -24.16
N GLY A 267 6.29 -1.93 -22.93
CA GLY A 267 6.59 -1.07 -21.78
C GLY A 267 8.10 -1.24 -21.53
N SER A 268 8.77 -0.29 -20.88
CA SER A 268 10.19 -0.26 -20.60
C SER A 268 10.74 -1.07 -19.40
N ILE A 269 11.43 -2.19 -19.53
CA ILE A 269 11.97 -3.03 -18.47
C ILE A 269 13.19 -2.34 -17.93
N SER A 270 13.92 -1.65 -18.79
CA SER A 270 15.18 -0.93 -18.42
C SER A 270 14.96 0.08 -17.29
N ASN A 271 13.83 0.76 -17.53
CA ASN A 271 13.33 1.81 -16.60
C ASN A 271 13.06 1.24 -15.22
N LEU A 272 12.42 0.08 -15.16
CA LEU A 272 12.13 -0.61 -13.90
C LEU A 272 13.44 -0.98 -13.21
N TYR A 273 14.31 -1.66 -14.01
CA TYR A 273 15.58 -2.16 -13.46
C TYR A 273 16.45 -1.05 -12.94
N ASN A 274 16.54 0.03 -13.73
CA ASN A 274 17.31 1.18 -13.18
C ASN A 274 16.72 1.75 -11.86
N MET A 275 15.40 1.91 -11.80
CA MET A 275 14.76 2.42 -10.56
C MET A 275 15.06 1.45 -9.42
N ILE A 276 15.16 0.13 -9.55
CA ILE A 276 15.48 -0.82 -8.42
C ILE A 276 16.81 -0.47 -7.73
N LYS A 277 17.74 -0.28 -8.68
CA LYS A 277 19.12 0.13 -8.37
C LYS A 277 19.21 1.51 -7.73
N SER A 278 18.46 2.48 -8.14
CA SER A 278 18.44 3.84 -7.56
C SER A 278 17.86 3.87 -6.16
N VAL A 279 16.73 3.18 -6.01
CA VAL A 279 16.18 3.08 -4.62
C VAL A 279 17.12 2.33 -3.68
N ALA A 280 17.73 1.23 -4.11
CA ALA A 280 18.63 0.45 -3.24
C ALA A 280 19.84 1.28 -2.88
N SER A 281 20.04 2.24 -3.77
CA SER A 281 21.18 3.13 -3.45
C SER A 281 20.77 4.31 -2.56
N ASP A 282 19.55 4.77 -2.51
CA ASP A 282 19.28 5.92 -1.71
C ASP A 282 18.59 5.62 -0.40
N CYS A 283 17.83 4.53 -0.43
CA CYS A 283 17.01 4.13 0.71
C CYS A 283 17.92 3.19 1.51
N SER A 284 17.82 3.48 2.79
CA SER A 284 18.59 2.65 3.78
C SER A 284 18.04 1.24 3.93
N ASP A 285 16.74 1.02 3.78
CA ASP A 285 16.21 -0.35 3.87
C ASP A 285 15.03 -0.43 2.94
N PRO A 286 15.19 -0.77 1.68
CA PRO A 286 14.04 -0.99 0.78
C PRO A 286 13.08 -2.01 1.34
N THR A 287 13.50 -2.99 2.20
CA THR A 287 12.52 -3.99 2.68
C THR A 287 11.53 -3.31 3.65
N LEU A 288 11.65 -2.09 4.11
CA LEU A 288 10.75 -1.33 5.00
C LEU A 288 9.82 -0.40 4.23
N LEU A 289 9.85 -0.34 2.92
CA LEU A 289 8.96 0.40 2.00
C LEU A 289 7.63 -0.35 1.80
N GLY A 290 6.56 0.37 1.53
CA GLY A 290 5.20 -0.09 1.23
C GLY A 290 5.06 -0.11 -0.31
N ASN A 291 4.93 -1.30 -0.92
CA ASN A 291 4.82 -1.52 -2.36
C ASN A 291 3.37 -1.51 -2.81
N PHE A 292 3.06 -0.87 -3.88
CA PHE A 292 1.69 -0.81 -4.42
C PHE A 292 1.74 -0.63 -5.95
N ILE A 293 0.63 -1.04 -6.56
CA ILE A 293 0.50 -0.82 -8.03
C ILE A 293 -0.81 0.00 -8.36
N GLU A 294 -1.62 0.24 -7.32
CA GLU A 294 -2.83 1.05 -7.32
C GLU A 294 -3.13 1.54 -5.89
N ASN A 295 -3.76 2.71 -5.91
CA ASN A 295 -4.23 3.37 -4.65
C ASN A 295 -5.43 4.28 -4.94
N HIS A 296 -5.87 5.03 -3.86
CA HIS A 296 -7.04 5.90 -3.99
C HIS A 296 -6.80 7.27 -4.67
N ASP A 297 -5.57 7.59 -5.04
CA ASP A 297 -5.19 8.86 -5.63
C ASP A 297 -4.77 8.74 -7.09
N ASN A 298 -4.63 7.60 -7.73
CA ASN A 298 -4.25 7.52 -9.18
C ASN A 298 -5.18 6.50 -9.86
N PRO A 299 -5.30 6.53 -11.17
CA PRO A 299 -6.10 5.56 -11.93
C PRO A 299 -5.65 4.11 -11.59
N ARG A 300 -6.60 3.20 -11.69
CA ARG A 300 -6.46 1.76 -11.38
C ARG A 300 -5.60 1.14 -12.46
N PHE A 301 -4.82 0.13 -12.12
CA PHE A 301 -3.99 -0.52 -13.14
C PHE A 301 -4.94 -0.94 -14.31
N ALA A 302 -6.11 -1.56 -14.10
CA ALA A 302 -7.03 -2.05 -15.18
C ALA A 302 -7.57 -0.91 -16.04
N LYS A 303 -7.25 0.35 -15.70
CA LYS A 303 -7.75 1.48 -16.50
C LYS A 303 -6.79 1.65 -17.65
N TYR A 304 -5.57 1.22 -17.48
CA TYR A 304 -4.57 1.30 -18.58
C TYR A 304 -4.49 0.08 -19.47
N THR A 305 -4.76 -1.12 -18.99
CA THR A 305 -4.76 -2.30 -19.82
C THR A 305 -5.72 -3.30 -19.20
N SER A 306 -6.54 -3.94 -20.01
CA SER A 306 -7.40 -4.91 -19.27
C SER A 306 -6.96 -6.35 -19.35
N ASP A 307 -5.71 -6.48 -19.75
CA ASP A 307 -5.05 -7.79 -19.89
C ASP A 307 -4.78 -8.40 -18.53
N TYR A 308 -5.25 -9.56 -18.19
CA TYR A 308 -5.05 -10.28 -16.95
C TYR A 308 -3.65 -10.75 -16.71
N SER A 309 -2.86 -11.04 -17.71
CA SER A 309 -1.45 -11.50 -17.50
C SER A 309 -0.58 -10.37 -16.96
N GLN A 310 -0.78 -9.17 -17.52
CA GLN A 310 -0.14 -7.87 -17.06
C GLN A 310 -0.46 -7.61 -15.53
N ALA A 311 -1.78 -7.74 -15.21
CA ALA A 311 -2.38 -7.61 -13.86
C ALA A 311 -1.67 -8.63 -12.91
N LYS A 312 -1.50 -9.91 -13.30
CA LYS A 312 -0.86 -10.94 -12.46
C LYS A 312 0.57 -10.68 -12.09
N ASN A 313 1.26 -10.16 -13.10
CA ASN A 313 2.67 -9.77 -13.04
C ASN A 313 2.91 -8.59 -12.09
N VAL A 314 2.05 -7.59 -12.07
CA VAL A 314 2.34 -6.43 -11.17
C VAL A 314 2.05 -6.91 -9.76
N LEU A 315 1.08 -7.73 -9.52
CA LEU A 315 0.76 -8.36 -8.26
C LEU A 315 1.92 -9.25 -7.85
N SER A 316 2.49 -10.16 -8.62
CA SER A 316 3.63 -11.01 -8.16
C SER A 316 4.76 -10.16 -7.66
N TYR A 317 5.05 -9.08 -8.39
CA TYR A 317 6.09 -8.10 -8.19
C TYR A 317 5.95 -7.44 -6.81
N ILE A 318 4.77 -6.94 -6.50
CA ILE A 318 4.62 -6.24 -5.20
C ILE A 318 4.89 -7.18 -4.02
N PHE A 319 4.49 -8.44 -4.21
CA PHE A 319 4.67 -9.45 -3.15
C PHE A 319 6.06 -10.06 -3.06
N LEU A 320 6.74 -10.17 -4.22
CA LEU A 320 8.02 -10.93 -4.25
C LEU A 320 9.32 -10.14 -4.34
N SER A 321 9.24 -8.86 -4.63
CA SER A 321 10.38 -7.93 -4.60
C SER A 321 10.62 -7.54 -3.13
N ASP A 322 11.55 -6.63 -2.80
CA ASP A 322 11.84 -6.10 -1.46
C ASP A 322 10.68 -5.20 -1.01
N GLY A 323 10.17 -5.21 0.21
CA GLY A 323 9.16 -4.35 0.77
C GLY A 323 7.85 -5.04 1.16
N ILE A 324 6.89 -4.32 1.79
CA ILE A 324 5.58 -4.85 2.21
C ILE A 324 4.44 -4.66 1.15
N PRO A 325 3.87 -5.71 0.55
CA PRO A 325 2.86 -5.63 -0.48
C PRO A 325 1.59 -4.92 -0.01
N ILE A 326 0.97 -4.03 -0.74
CA ILE A 326 -0.30 -3.42 -0.24
C ILE A 326 -1.27 -3.47 -1.40
N VAL A 327 -2.43 -4.13 -1.36
CA VAL A 327 -3.48 -4.27 -2.38
C VAL A 327 -4.57 -3.30 -1.94
N TYR A 328 -5.07 -2.54 -2.89
CA TYR A 328 -6.12 -1.53 -2.77
C TYR A 328 -7.47 -2.19 -3.06
N ALA A 329 -8.36 -2.24 -2.08
CA ALA A 329 -9.70 -2.94 -2.26
C ALA A 329 -10.26 -2.68 -3.67
N GLY A 330 -10.59 -3.73 -4.43
CA GLY A 330 -11.17 -3.58 -5.79
C GLY A 330 -10.27 -4.17 -6.87
N GLU A 331 -9.00 -4.12 -6.41
CA GLU A 331 -7.94 -4.62 -7.28
C GLU A 331 -8.18 -6.07 -7.65
N GLU A 332 -8.60 -6.82 -6.67
CA GLU A 332 -8.83 -8.28 -6.80
C GLU A 332 -10.01 -8.67 -7.63
N GLN A 333 -10.85 -7.68 -7.79
CA GLN A 333 -12.08 -7.71 -8.61
C GLN A 333 -11.76 -7.06 -9.96
N HIS A 334 -10.60 -6.63 -10.34
CA HIS A 334 -10.35 -6.02 -11.67
C HIS A 334 -11.11 -4.73 -11.90
N TYR A 335 -11.30 -3.88 -10.88
CA TYR A 335 -11.90 -2.54 -10.97
C TYR A 335 -11.00 -1.75 -11.93
N ALA A 336 -11.55 -0.96 -12.80
CA ALA A 336 -11.12 -0.22 -13.96
C ALA A 336 -11.28 1.30 -13.76
N GLY A 337 -11.73 1.84 -12.59
CA GLY A 337 -11.86 3.27 -12.33
C GLY A 337 -10.66 4.14 -12.71
N GLY A 338 -10.80 5.28 -13.39
CA GLY A 338 -9.60 6.09 -13.78
C GLY A 338 -9.22 7.18 -12.76
N LYS A 339 -9.11 8.41 -13.25
CA LYS A 339 -8.84 9.64 -12.53
C LYS A 339 -9.64 9.72 -11.22
N VAL A 340 -9.21 10.42 -10.21
CA VAL A 340 -10.08 10.53 -9.01
C VAL A 340 -11.37 11.31 -9.34
N PRO A 341 -12.56 11.08 -8.82
CA PRO A 341 -12.93 10.05 -7.87
C PRO A 341 -13.34 8.72 -8.48
N TYR A 342 -13.15 8.54 -9.76
CA TYR A 342 -13.56 7.37 -10.54
C TYR A 342 -12.98 6.07 -10.00
N ASN A 343 -11.78 6.18 -9.42
CA ASN A 343 -11.04 5.09 -8.74
C ASN A 343 -11.50 4.75 -7.29
N ARG A 344 -12.67 5.23 -6.83
CA ARG A 344 -13.16 5.01 -5.45
C ARG A 344 -14.50 4.23 -5.33
N GLU A 345 -14.55 3.27 -6.26
CA GLU A 345 -15.67 2.33 -6.35
C GLU A 345 -15.84 1.51 -5.06
N ALA A 346 -17.09 1.32 -4.70
CA ALA A 346 -17.54 0.57 -3.53
C ALA A 346 -17.18 -0.90 -3.81
N THR A 347 -16.55 -1.60 -2.87
CA THR A 347 -16.23 -3.03 -3.06
C THR A 347 -17.45 -3.98 -3.10
N TRP A 348 -18.47 -3.60 -2.36
CA TRP A 348 -19.71 -4.33 -2.15
C TRP A 348 -20.46 -4.52 -3.46
N LEU A 349 -20.23 -3.63 -4.43
CA LEU A 349 -20.92 -3.84 -5.73
C LEU A 349 -20.36 -5.04 -6.49
N SER A 350 -19.20 -5.55 -6.19
CA SER A 350 -18.65 -6.76 -6.80
C SER A 350 -19.40 -8.01 -6.28
N GLY A 351 -20.13 -7.97 -5.19
CA GLY A 351 -20.78 -9.07 -4.49
C GLY A 351 -19.79 -9.94 -3.66
N TYR A 352 -18.56 -9.50 -3.44
CA TYR A 352 -17.51 -10.15 -2.66
C TYR A 352 -17.25 -11.47 -3.36
N ASP A 353 -17.13 -11.45 -4.68
CA ASP A 353 -16.94 -12.81 -5.30
C ASP A 353 -15.57 -13.43 -5.05
N THR A 354 -15.58 -14.46 -4.20
CA THR A 354 -14.29 -15.05 -3.91
C THR A 354 -13.78 -15.98 -5.02
N SER A 355 -14.45 -15.99 -6.17
CA SER A 355 -13.88 -16.82 -7.22
C SER A 355 -13.35 -15.97 -8.35
N ALA A 356 -13.12 -14.70 -8.20
CA ALA A 356 -12.55 -13.74 -9.19
C ALA A 356 -11.12 -14.20 -9.40
N GLU A 357 -10.70 -14.12 -10.67
CA GLU A 357 -9.36 -14.47 -11.11
C GLU A 357 -8.21 -13.97 -10.24
N LEU A 358 -8.28 -12.68 -9.97
CA LEU A 358 -7.24 -11.99 -9.16
C LEU A 358 -7.42 -12.30 -7.68
N TYR A 359 -8.58 -12.70 -7.18
CA TYR A 359 -8.79 -13.06 -5.79
C TYR A 359 -7.89 -14.26 -5.44
N THR A 360 -7.97 -15.26 -6.29
CA THR A 360 -7.26 -16.53 -6.35
C THR A 360 -5.79 -16.33 -6.52
N TRP A 361 -5.37 -15.47 -7.45
CA TRP A 361 -3.93 -15.19 -7.70
C TRP A 361 -3.20 -14.66 -6.50
N ILE A 362 -3.89 -13.79 -5.78
CA ILE A 362 -3.31 -13.12 -4.55
C ILE A 362 -3.20 -14.15 -3.41
N ALA A 363 -4.22 -14.96 -3.22
CA ALA A 363 -4.24 -16.05 -2.24
C ALA A 363 -3.09 -17.04 -2.45
N THR A 364 -2.78 -17.43 -3.68
CA THR A 364 -1.68 -18.32 -4.04
C THR A 364 -0.34 -17.61 -3.83
N THR A 365 -0.26 -16.36 -4.26
CA THR A 365 0.96 -15.49 -4.07
C THR A 365 1.32 -15.31 -2.63
N ASN A 366 0.33 -15.09 -1.79
CA ASN A 366 0.43 -14.93 -0.33
C ASN A 366 0.93 -16.24 0.27
N ALA A 367 0.46 -17.38 -0.21
CA ALA A 367 0.95 -18.71 0.31
C ALA A 367 2.40 -18.97 0.14
N ILE A 368 2.85 -18.66 -1.09
CA ILE A 368 4.19 -18.69 -1.62
C ILE A 368 5.16 -17.82 -0.81
N ARG A 369 4.69 -16.56 -0.57
CA ARG A 369 5.51 -15.57 0.19
C ARG A 369 5.69 -16.10 1.61
N LYS A 370 4.61 -16.55 2.20
CA LYS A 370 4.63 -17.16 3.56
C LYS A 370 5.51 -18.41 3.67
N LEU A 371 5.56 -19.22 2.64
CA LEU A 371 6.41 -20.41 2.62
C LEU A 371 7.87 -20.07 2.61
N ALA A 372 8.18 -19.04 1.75
CA ALA A 372 9.58 -18.64 1.64
C ALA A 372 10.12 -18.14 2.96
N ILE A 373 9.39 -17.29 3.65
CA ILE A 373 9.68 -16.67 4.93
C ILE A 373 9.85 -17.78 6.00
N ALA A 374 8.89 -18.71 6.08
CA ALA A 374 8.96 -19.83 7.03
C ALA A 374 10.26 -20.64 6.85
N ALA A 375 10.74 -20.80 5.56
CA ALA A 375 11.91 -21.64 5.28
C ALA A 375 13.28 -21.02 5.42
N ASP A 376 13.42 -19.73 5.38
CA ASP A 376 14.73 -19.07 5.43
C ASP A 376 14.43 -17.86 6.31
N SER A 377 14.92 -17.84 7.51
CA SER A 377 14.75 -16.65 8.43
C SER A 377 15.47 -15.37 7.91
N ALA A 378 16.43 -15.52 6.98
CA ALA A 378 17.23 -14.42 6.40
C ALA A 378 16.70 -14.01 5.04
N TYR A 379 15.63 -14.63 4.58
CA TYR A 379 14.89 -14.40 3.31
C TYR A 379 14.33 -12.96 3.24
N ILE A 380 13.46 -12.60 4.20
CA ILE A 380 12.79 -11.30 4.15
C ILE A 380 13.70 -10.05 4.12
N THR A 381 14.85 -10.18 4.80
CA THR A 381 15.85 -9.11 4.93
C THR A 381 16.89 -9.27 3.84
N TYR A 382 16.86 -10.35 3.10
CA TYR A 382 17.86 -10.41 2.03
C TYR A 382 17.65 -9.48 0.85
N ALA A 383 18.61 -8.63 0.47
CA ALA A 383 18.35 -7.84 -0.72
C ALA A 383 18.08 -8.55 -2.06
N ASN A 384 17.01 -8.16 -2.75
CA ASN A 384 16.56 -8.60 -4.04
C ASN A 384 17.67 -8.37 -5.07
N ASP A 385 17.91 -9.25 -5.98
CA ASP A 385 18.97 -9.00 -7.00
C ASP A 385 18.33 -9.14 -8.38
N ALA A 386 18.17 -8.16 -9.27
CA ALA A 386 17.55 -8.45 -10.62
C ALA A 386 18.75 -9.00 -11.42
N PHE A 387 18.69 -10.32 -11.66
CA PHE A 387 19.89 -10.90 -12.28
C PHE A 387 19.67 -11.06 -13.76
N TYR A 388 18.46 -10.99 -14.35
CA TYR A 388 18.59 -11.15 -15.84
C TYR A 388 17.56 -10.23 -16.38
N THR A 389 17.68 -9.62 -17.56
CA THR A 389 16.60 -8.82 -18.10
C THR A 389 16.68 -9.03 -19.61
N ASP A 390 15.65 -8.81 -20.35
CA ASP A 390 15.62 -8.81 -21.80
C ASP A 390 14.48 -7.78 -21.99
N SER A 391 14.13 -7.55 -23.20
CA SER A 391 13.12 -6.60 -23.58
C SER A 391 11.67 -6.71 -23.09
N ASN A 392 11.35 -7.93 -22.71
CA ASN A 392 10.04 -8.32 -22.21
C ASN A 392 10.17 -9.13 -20.88
N THR A 393 11.33 -9.32 -20.30
CA THR A 393 11.55 -10.10 -19.12
C THR A 393 12.52 -9.53 -18.06
N ILE A 394 12.24 -9.84 -16.79
CA ILE A 394 13.08 -9.52 -15.64
C ILE A 394 12.96 -10.72 -14.69
N ALA A 395 14.10 -11.20 -14.22
CA ALA A 395 14.28 -12.35 -13.33
C ALA A 395 15.01 -11.78 -12.12
N MET A 396 14.51 -12.15 -10.98
CA MET A 396 15.07 -11.61 -9.74
C MET A 396 15.31 -12.77 -8.77
N ALA A 397 16.34 -12.72 -7.92
CA ALA A 397 16.69 -13.74 -6.95
C ALA A 397 16.68 -12.99 -5.57
N LYS A 398 16.21 -13.61 -4.51
CA LYS A 398 16.10 -13.21 -3.10
C LYS A 398 16.11 -14.44 -2.20
N GLY A 399 17.00 -14.39 -1.19
CA GLY A 399 17.11 -15.44 -0.12
C GLY A 399 18.52 -15.94 0.00
N THR A 400 18.83 -16.66 1.01
CA THR A 400 20.14 -17.28 1.33
C THR A 400 20.60 -18.25 0.24
N SER A 401 21.91 -18.21 -0.06
CA SER A 401 22.40 -19.22 -1.06
C SER A 401 21.99 -20.63 -0.69
N GLY A 402 21.47 -21.36 -1.68
CA GLY A 402 21.02 -22.76 -1.56
C GLY A 402 19.55 -22.85 -1.34
N SER A 403 19.03 -21.65 -1.06
CA SER A 403 17.60 -21.49 -0.76
C SER A 403 16.85 -20.38 -1.54
N GLN A 404 17.47 -19.49 -2.23
CA GLN A 404 16.82 -18.37 -2.89
C GLN A 404 15.58 -18.68 -3.70
N VAL A 405 14.63 -17.73 -3.74
CA VAL A 405 13.42 -17.88 -4.54
C VAL A 405 13.77 -17.20 -5.88
N ILE A 406 13.40 -17.81 -6.99
CA ILE A 406 13.68 -17.09 -8.23
C ILE A 406 12.31 -16.66 -8.84
N THR A 407 12.14 -15.40 -9.19
CA THR A 407 10.94 -14.79 -9.74
C THR A 407 11.30 -14.31 -11.16
N VAL A 408 10.44 -14.73 -12.01
CA VAL A 408 10.52 -14.41 -13.46
C VAL A 408 9.24 -13.76 -13.91
N LEU A 409 9.39 -12.51 -14.36
CA LEU A 409 8.31 -11.63 -14.83
C LEU A 409 8.39 -11.30 -16.29
N SER A 410 7.26 -11.18 -16.97
CA SER A 410 7.10 -10.94 -18.46
C SER A 410 6.07 -9.93 -18.86
N ASN A 411 6.37 -8.98 -19.78
CA ASN A 411 5.32 -8.01 -20.11
C ASN A 411 4.77 -8.41 -21.52
N LYS A 412 4.91 -9.70 -21.92
CA LYS A 412 4.35 -10.07 -23.27
C LYS A 412 2.82 -10.04 -23.45
N GLY A 413 2.12 -10.31 -22.36
CA GLY A 413 0.68 -10.29 -22.32
C GLY A 413 0.02 -11.65 -22.56
N SER A 414 -1.27 -11.62 -22.54
CA SER A 414 -2.08 -12.83 -22.76
C SER A 414 -1.75 -13.53 -24.06
N SER A 415 -1.32 -12.76 -25.03
CA SER A 415 -0.96 -13.17 -26.38
C SER A 415 0.18 -14.19 -26.21
N GLY A 416 1.13 -13.89 -25.32
CA GLY A 416 2.13 -14.84 -24.99
C GLY A 416 2.78 -15.70 -25.99
N SER A 417 2.70 -17.00 -25.99
CA SER A 417 3.50 -17.84 -26.95
C SER A 417 4.45 -18.49 -25.93
N SER A 418 4.18 -19.79 -25.94
CA SER A 418 4.86 -20.74 -25.08
C SER A 418 6.27 -21.00 -25.54
N TYR A 419 7.21 -20.81 -24.65
CA TYR A 419 8.59 -21.10 -25.03
C TYR A 419 9.35 -21.41 -23.76
N THR A 420 10.56 -21.90 -23.98
CA THR A 420 11.22 -22.10 -22.68
C THR A 420 12.44 -21.14 -22.65
N LEU A 421 12.57 -20.50 -21.48
CA LEU A 421 13.69 -19.56 -21.31
C LEU A 421 14.71 -20.25 -20.43
N THR A 422 15.97 -20.16 -20.74
CA THR A 422 17.10 -20.74 -20.02
C THR A 422 17.79 -19.58 -19.28
N LEU A 423 17.36 -19.43 -18.08
CA LEU A 423 17.73 -18.54 -17.05
C LEU A 423 19.07 -19.09 -16.49
N SER A 424 19.96 -18.19 -16.81
CA SER A 424 21.32 -18.14 -16.36
C SER A 424 21.41 -17.06 -15.25
N GLY A 425 22.34 -17.28 -14.36
CA GLY A 425 22.63 -16.37 -13.27
C GLY A 425 22.07 -16.63 -11.89
N SER A 426 21.29 -17.68 -11.72
CA SER A 426 20.63 -17.99 -10.44
C SER A 426 21.54 -18.30 -9.28
N GLY A 427 22.75 -18.76 -9.45
CA GLY A 427 23.60 -19.12 -8.26
C GLY A 427 23.31 -20.51 -7.71
N TYR A 428 22.42 -21.18 -8.50
CA TYR A 428 22.05 -22.56 -8.07
C TYR A 428 23.00 -23.53 -8.88
N THR A 429 23.33 -24.68 -8.32
CA THR A 429 24.19 -25.55 -9.15
C THR A 429 23.42 -26.69 -9.85
N SER A 430 24.26 -27.12 -10.80
CA SER A 430 23.90 -28.26 -11.67
C SER A 430 23.21 -29.35 -10.83
N GLY A 431 22.04 -29.86 -11.26
CA GLY A 431 21.29 -30.85 -10.56
C GLY A 431 20.40 -30.51 -9.37
N THR A 432 20.34 -29.23 -9.02
CA THR A 432 19.49 -28.73 -7.95
C THR A 432 18.06 -28.97 -8.46
N LYS A 433 17.24 -29.42 -7.55
CA LYS A 433 15.82 -29.66 -7.91
C LYS A 433 14.91 -28.50 -7.44
N LEU A 434 14.19 -27.84 -8.33
CA LEU A 434 13.23 -26.75 -8.11
C LEU A 434 11.84 -27.16 -8.58
N ILE A 435 10.85 -26.44 -8.08
CA ILE A 435 9.45 -26.57 -8.39
C ILE A 435 8.95 -25.15 -8.66
N GLU A 436 8.31 -24.94 -9.77
CA GLU A 436 7.71 -23.66 -10.20
C GLU A 436 6.33 -23.67 -9.49
N ALA A 437 6.11 -22.78 -8.52
CA ALA A 437 4.92 -22.84 -7.69
C ALA A 437 3.56 -22.55 -8.30
N TYR A 438 3.50 -21.77 -9.34
CA TYR A 438 2.25 -21.40 -9.95
C TYR A 438 1.78 -22.60 -10.80
N THR A 439 2.60 -23.48 -11.33
CA THR A 439 2.17 -24.57 -12.28
C THR A 439 2.46 -25.91 -11.69
N CYS A 440 3.18 -25.86 -10.58
CA CYS A 440 3.64 -27.10 -9.95
C CYS A 440 4.52 -27.96 -10.88
N THR A 441 5.31 -27.35 -11.72
CA THR A 441 6.25 -27.93 -12.70
C THR A 441 7.55 -28.23 -12.02
N SER A 442 7.99 -29.45 -12.10
CA SER A 442 9.33 -29.74 -11.48
C SER A 442 10.44 -29.53 -12.50
N VAL A 443 11.52 -28.79 -12.18
CA VAL A 443 12.63 -28.58 -13.20
C VAL A 443 13.98 -28.90 -12.54
N THR A 444 15.04 -29.29 -13.25
CA THR A 444 16.36 -29.59 -12.67
C THR A 444 17.34 -28.58 -13.25
N VAL A 445 18.29 -28.01 -12.54
CA VAL A 445 19.18 -27.05 -13.28
C VAL A 445 20.12 -27.77 -14.27
N ASP A 446 20.56 -27.44 -15.45
CA ASP A 446 21.46 -27.74 -16.49
C ASP A 446 22.84 -28.11 -15.89
N SER A 447 23.71 -28.72 -16.72
CA SER A 447 25.10 -29.07 -16.23
C SER A 447 25.94 -27.81 -16.30
N SER A 448 25.36 -26.90 -17.05
CA SER A 448 25.94 -25.56 -17.21
C SER A 448 25.40 -24.67 -16.09
N GLY A 449 24.38 -24.93 -15.26
CA GLY A 449 23.91 -24.04 -14.19
C GLY A 449 22.70 -23.23 -14.68
N ASP A 450 22.10 -23.59 -15.78
CA ASP A 450 20.90 -22.95 -16.29
C ASP A 450 19.62 -23.63 -15.78
N ILE A 451 18.61 -22.79 -15.60
CA ILE A 451 17.25 -23.16 -15.23
C ILE A 451 16.36 -23.12 -16.48
N PRO A 452 15.84 -24.22 -16.97
CA PRO A 452 14.95 -24.16 -18.15
C PRO A 452 13.59 -23.70 -17.67
N VAL A 453 13.12 -22.48 -17.91
CA VAL A 453 11.85 -21.94 -17.38
C VAL A 453 10.79 -22.00 -18.49
N PRO A 454 9.73 -22.76 -18.17
CA PRO A 454 8.57 -22.92 -19.07
C PRO A 454 7.74 -21.60 -19.06
N MET A 455 7.68 -20.85 -20.14
CA MET A 455 6.97 -19.60 -20.31
C MET A 455 5.71 -19.77 -21.14
N ALA A 456 4.65 -19.22 -20.61
CA ALA A 456 3.37 -19.24 -21.37
C ALA A 456 2.52 -18.01 -21.14
N SER A 457 1.73 -17.56 -22.11
CA SER A 457 0.76 -16.44 -22.02
C SER A 457 1.09 -15.27 -21.07
N GLY A 458 2.35 -14.94 -21.17
CA GLY A 458 3.12 -13.94 -20.47
C GLY A 458 2.86 -13.88 -18.95
N LEU A 459 2.76 -15.10 -18.35
CA LEU A 459 2.46 -15.19 -16.92
C LEU A 459 3.73 -15.32 -16.04
N PRO A 460 3.69 -14.81 -14.79
CA PRO A 460 4.85 -14.95 -13.92
C PRO A 460 5.21 -16.41 -13.64
N ARG A 461 6.50 -16.67 -13.33
CA ARG A 461 6.95 -17.98 -12.94
C ARG A 461 7.80 -17.79 -11.65
N VAL A 462 7.66 -18.60 -10.65
CA VAL A 462 8.40 -18.50 -9.38
C VAL A 462 9.01 -19.86 -8.96
N LEU A 463 10.28 -19.97 -8.70
CA LEU A 463 10.82 -21.26 -8.33
C LEU A 463 11.46 -21.28 -6.95
N LEU A 464 11.22 -22.39 -6.23
CA LEU A 464 11.77 -22.54 -4.87
C LEU A 464 12.38 -23.96 -4.79
N PRO A 465 13.25 -24.28 -3.84
CA PRO A 465 13.80 -25.68 -3.74
C PRO A 465 12.61 -26.62 -3.70
N ALA A 466 12.70 -27.77 -4.36
CA ALA A 466 11.57 -28.72 -4.42
C ALA A 466 11.11 -29.23 -3.06
N SER A 467 12.17 -29.30 -2.31
CA SER A 467 12.31 -29.67 -0.91
C SER A 467 11.42 -28.91 0.05
N VAL A 468 11.44 -27.61 -0.32
CA VAL A 468 10.56 -26.65 0.43
C VAL A 468 9.11 -26.83 0.01
N VAL A 469 8.85 -26.93 -1.29
CA VAL A 469 7.47 -26.95 -1.73
C VAL A 469 6.85 -28.26 -1.26
N ASP A 470 7.68 -29.28 -1.28
CA ASP A 470 7.37 -30.60 -0.83
C ASP A 470 6.99 -30.52 0.67
N SER A 471 7.41 -29.54 1.42
CA SER A 471 7.05 -29.46 2.86
C SER A 471 5.71 -28.71 3.05
N SER A 472 5.08 -28.12 2.07
CA SER A 472 3.83 -27.39 2.06
C SER A 472 2.76 -28.13 1.30
N SER A 473 1.79 -27.41 0.75
CA SER A 473 0.78 -28.06 -0.12
C SER A 473 0.47 -27.06 -1.25
N LEU A 474 1.52 -26.38 -1.63
CA LEU A 474 1.26 -25.48 -2.76
C LEU A 474 1.02 -26.62 -3.79
N CYS A 475 1.85 -27.70 -3.62
CA CYS A 475 1.62 -28.58 -4.79
C CYS A 475 1.10 -29.96 -4.59
N GLY A 476 -0.04 -29.97 -3.86
CA GLY A 476 -0.68 -31.24 -3.54
C GLY A 476 0.06 -32.06 -2.41
CA CA B . 2.57 21.75 6.55
CA CA C . -2.29 12.31 0.51
#